data_6FTE
#
_entry.id   6FTE
#
_cell.length_a   54.431
_cell.length_b   148.452
_cell.length_c   78.726
_cell.angle_alpha   90.00
_cell.angle_beta   90.00
_cell.angle_gamma   90.00
#
_symmetry.space_group_name_H-M   'C 2 2 21'
#
loop_
_entity.id
_entity.type
_entity.pdbx_description
1 polymer 'Amine transaminase (fold IV)'
2 non-polymer "PYRIDOXAL-5'-PHOSPHATE"
3 non-polymer GLYCEROL
4 non-polymer 'ACETATE ION'
5 water water
#
_entity_poly.entity_id   1
_entity_poly.type   'polypeptide(L)'
_entity_poly.pdbx_seq_one_letter_code
;MATMEKVFAGYEARQKVLEASTNPFAKGVAWVEGKLVPVNEARIPLMDQGFLHSDLTYDVPSVWDGRFFRLDDHLDRFEL
SCSKMRFKMPLPRQEVKRILVDMVAKSGIKDAFVEIIVTRGLKGVRGLKAGESLTNNLYMWIQPYIWVMEPEMQRTGGSA
IIARTVKRTSPGSMDPTVKNLQWGDLTRGMLEAQDRGADYPFLTDGDGNITEGSGFNIVFIKDGVLYTPDRGVLKGVTRK
SVADAAKANGIEMRIEFVPTEMAYQCDECFMCTTAGGVMPITSMDGQPIGDGKVGPVTKEIWDGYWAMHYDDKYSFKIDY
EEKSANGTNGVNGVH
;
_entity_poly.pdbx_strand_id   B
#
loop_
_chem_comp.id
_chem_comp.type
_chem_comp.name
_chem_comp.formula
ACT non-polymer 'ACETATE ION' 'C2 H3 O2 -1'
GOL non-polymer GLYCEROL 'C3 H8 O3'
PLP non-polymer PYRIDOXAL-5'-PHOSPHATE 'C8 H10 N O6 P'
#
# COMPACT_ATOMS: atom_id res chain seq x y z
N MET A 1 -6.65 10.48 19.31
CA MET A 1 -6.39 11.89 19.56
C MET A 1 -7.43 12.68 18.97
N ALA A 2 -7.36 13.99 19.30
CA ALA A 2 -7.93 15.11 18.57
C ALA A 2 -7.80 14.90 17.01
N THR A 3 -6.61 14.93 16.35
CA THR A 3 -6.62 14.81 14.86
C THR A 3 -7.12 13.41 14.31
N MET A 4 -6.86 12.33 15.03
CA MET A 4 -7.48 11.04 14.73
C MET A 4 -8.98 11.20 14.70
N GLU A 5 -9.55 11.84 15.71
CA GLU A 5 -10.99 11.99 15.71
C GLU A 5 -11.47 12.85 14.53
N LYS A 6 -10.71 13.90 14.17
CA LYS A 6 -11.04 14.67 13.01
C LYS A 6 -11.11 13.85 11.70
N VAL A 7 -10.05 13.15 11.45
CA VAL A 7 -9.94 12.42 10.21
C VAL A 7 -11.00 11.36 10.17
N PHE A 8 -11.13 10.62 11.26
CA PHE A 8 -12.09 9.56 11.22
C PHE A 8 -13.57 10.00 11.21
N ALA A 9 -13.88 11.12 11.89
CA ALA A 9 -15.23 11.62 11.81
C ALA A 9 -15.65 11.99 10.38
N GLY A 10 -14.70 12.61 9.66
CA GLY A 10 -14.95 12.99 8.31
C GLY A 10 -15.17 11.79 7.41
N TYR A 11 -14.29 10.79 7.56
CA TYR A 11 -14.42 9.52 6.85
C TYR A 11 -15.77 8.85 7.15
N GLU A 12 -16.13 8.75 8.43
CA GLU A 12 -17.42 8.10 8.77
C GLU A 12 -18.63 8.81 8.17
N ALA A 13 -18.63 10.14 8.16
CA ALA A 13 -19.70 10.92 7.53
C ALA A 13 -19.78 10.65 6.03
N ARG A 14 -18.61 10.68 5.36
CA ARG A 14 -18.59 10.37 3.93
C ARG A 14 -19.04 8.93 3.58
N GLN A 15 -18.68 7.98 4.44
CA GLN A 15 -19.05 6.59 4.31
C GLN A 15 -20.54 6.40 4.43
N LYS A 16 -21.16 7.15 5.33
CA LYS A 16 -22.59 7.06 5.44
C LYS A 16 -23.31 7.42 4.10
N VAL A 17 -22.83 8.48 3.46
CA VAL A 17 -23.33 8.93 2.18
C VAL A 17 -23.06 7.88 1.14
N LEU A 18 -21.84 7.36 1.08
CA LEU A 18 -21.53 6.36 0.08
C LEU A 18 -22.36 5.07 0.26
N GLU A 19 -22.54 4.59 1.49
CA GLU A 19 -23.33 3.38 1.77
C GLU A 19 -24.80 3.49 1.27
N ALA A 20 -25.31 4.73 1.22
CA ALA A 20 -26.65 5.02 0.72
C ALA A 20 -26.79 5.19 -0.78
N SER A 21 -25.68 5.18 -1.50
CA SER A 21 -25.72 5.50 -2.95
C SER A 21 -26.22 4.31 -3.74
N THR A 22 -26.93 4.61 -4.80
CA THR A 22 -27.39 3.56 -5.74
C THR A 22 -26.52 3.54 -7.00
N ASN A 23 -25.44 4.33 -7.01
CA ASN A 23 -24.54 4.34 -8.19
C ASN A 23 -24.01 2.92 -8.33
N PRO A 24 -24.15 2.31 -9.53
CA PRO A 24 -23.62 0.97 -9.68
C PRO A 24 -22.10 0.80 -9.49
N PHE A 25 -21.39 1.91 -9.46
CA PHE A 25 -19.96 1.92 -9.23
C PHE A 25 -19.58 2.29 -7.80
N ALA A 26 -20.57 2.51 -6.94
CA ALA A 26 -20.23 2.94 -5.57
C ALA A 26 -19.44 1.91 -4.74
N LYS A 27 -19.61 0.62 -5.05
CA LYS A 27 -18.83 -0.46 -4.46
C LYS A 27 -17.48 -0.69 -5.16
N GLY A 28 -17.19 0.12 -6.19
CA GLY A 28 -15.99 0.05 -6.95
C GLY A 28 -16.23 -0.21 -8.43
N VAL A 29 -15.23 0.13 -9.23
CA VAL A 29 -15.32 0.03 -10.68
C VAL A 29 -13.99 -0.33 -11.24
N ALA A 30 -14.00 -1.25 -12.22
CA ALA A 30 -12.79 -1.69 -12.88
C ALA A 30 -12.81 -1.31 -14.35
N TRP A 31 -11.59 -1.20 -14.88
CA TRP A 31 -11.35 -0.98 -16.28
C TRP A 31 -10.76 -2.28 -16.81
N VAL A 32 -11.46 -2.91 -17.77
CA VAL A 32 -11.01 -4.18 -18.36
C VAL A 32 -11.20 -4.04 -19.89
N GLU A 33 -10.08 -4.07 -20.61
CA GLU A 33 -10.11 -4.06 -22.09
C GLU A 33 -10.94 -2.87 -22.56
N GLY A 34 -10.77 -1.71 -21.90
CA GLY A 34 -11.40 -0.45 -22.36
C GLY A 34 -12.81 -0.20 -21.91
N LYS A 35 -13.35 -1.05 -21.04
CA LYS A 35 -14.74 -0.96 -20.57
C LYS A 35 -14.73 -0.86 -19.03
N LEU A 36 -15.67 -0.08 -18.50
CA LEU A 36 -15.87 0.03 -17.07
C LEU A 36 -16.95 -0.94 -16.64
N VAL A 37 -16.65 -1.72 -15.62
N VAL A 37 -16.67 -1.68 -15.58
CA VAL A 37 -17.57 -2.69 -15.09
CA VAL A 37 -17.48 -2.81 -15.11
C VAL A 37 -17.54 -2.58 -13.57
C VAL A 37 -17.49 -2.75 -13.59
N PRO A 38 -18.69 -2.82 -12.93
CA PRO A 38 -18.70 -2.86 -11.47
C PRO A 38 -17.69 -3.90 -10.97
N VAL A 39 -16.94 -3.55 -9.93
CA VAL A 39 -15.74 -4.32 -9.59
C VAL A 39 -16.03 -5.80 -9.26
N ASN A 40 -17.14 -6.07 -8.61
N ASN A 40 -17.19 -6.07 -8.64
CA ASN A 40 -17.43 -7.42 -8.19
CA ASN A 40 -17.61 -7.47 -8.30
C ASN A 40 -17.99 -8.27 -9.40
C ASN A 40 -17.81 -8.32 -9.53
N GLU A 41 -18.22 -7.65 -10.58
CA GLU A 41 -18.51 -8.35 -11.87
C GLU A 41 -17.27 -8.46 -12.79
N ALA A 42 -16.17 -7.79 -12.45
CA ALA A 42 -15.00 -7.76 -13.30
C ALA A 42 -14.32 -9.15 -13.36
N ARG A 43 -13.92 -9.51 -14.58
CA ARG A 43 -13.27 -10.79 -14.84
C ARG A 43 -12.05 -10.58 -15.70
N ILE A 44 -11.09 -11.47 -15.57
CA ILE A 44 -9.93 -11.45 -16.43
C ILE A 44 -9.78 -12.79 -17.13
N PRO A 45 -9.05 -12.80 -18.25
CA PRO A 45 -8.86 -14.07 -18.94
C PRO A 45 -8.10 -15.08 -18.07
N LEU A 46 -8.54 -16.32 -18.08
CA LEU A 46 -7.83 -17.39 -17.39
C LEU A 46 -6.40 -17.53 -17.87
N MET A 47 -6.21 -17.32 -19.18
CA MET A 47 -4.89 -17.42 -19.78
C MET A 47 -4.00 -16.21 -19.58
N ASP A 48 -4.46 -15.17 -18.87
CA ASP A 48 -3.56 -14.07 -18.62
C ASP A 48 -2.34 -14.53 -17.79
N GLN A 49 -1.11 -14.22 -18.24
CA GLN A 49 0.08 -14.57 -17.51
C GLN A 49 0.23 -13.90 -16.13
N GLY A 50 -0.51 -12.84 -15.87
CA GLY A 50 -0.58 -12.26 -14.54
C GLY A 50 -1.19 -13.21 -13.56
N PHE A 51 -2.07 -14.05 -14.08
CA PHE A 51 -2.55 -15.19 -13.25
C PHE A 51 -1.65 -16.37 -13.39
N LEU A 52 -1.38 -16.80 -14.62
CA LEU A 52 -0.71 -18.09 -14.84
C LEU A 52 0.70 -18.21 -14.27
N HIS A 53 1.43 -17.12 -14.20
CA HIS A 53 2.78 -17.09 -13.63
C HIS A 53 3.05 -15.85 -12.80
N SER A 54 1.97 -15.24 -12.30
CA SER A 54 2.07 -13.98 -11.53
C SER A 54 3.08 -13.03 -12.16
N ASP A 55 3.00 -12.89 -13.49
CA ASP A 55 4.05 -12.13 -14.20
C ASP A 55 3.51 -10.75 -14.43
N LEU A 56 3.67 -9.89 -13.42
CA LEU A 56 3.00 -8.60 -13.33
C LEU A 56 3.71 -7.75 -12.35
N THR A 57 3.40 -6.44 -12.44
CA THR A 57 3.70 -5.51 -11.38
C THR A 57 2.45 -4.62 -11.20
N TYR A 58 2.40 -3.95 -10.04
CA TYR A 58 1.24 -3.14 -9.73
C TYR A 58 1.65 -1.93 -8.89
N ASP A 59 0.70 -1.03 -8.69
CA ASP A 59 0.87 0.06 -7.75
C ASP A 59 -0.50 0.43 -7.23
N VAL A 60 -0.47 1.11 -6.06
CA VAL A 60 -1.71 1.48 -5.33
C VAL A 60 -1.62 2.92 -4.82
N PRO A 61 -2.13 3.84 -5.64
CA PRO A 61 -2.42 5.16 -5.13
C PRO A 61 -3.76 5.17 -4.40
N SER A 62 -4.24 6.34 -3.99
CA SER A 62 -5.41 6.47 -3.18
C SER A 62 -6.02 7.86 -3.33
N VAL A 63 -7.26 7.95 -2.90
CA VAL A 63 -8.03 9.19 -2.86
C VAL A 63 -8.53 9.32 -1.43
N TRP A 64 -8.39 10.52 -0.86
CA TRP A 64 -8.89 10.81 0.48
C TRP A 64 -9.71 12.10 0.38
N ASP A 65 -10.95 12.09 0.84
CA ASP A 65 -11.76 13.32 0.86
C ASP A 65 -11.78 14.01 -0.48
N GLY A 66 -11.88 13.17 -1.48
CA GLY A 66 -11.98 13.64 -2.89
C GLY A 66 -10.67 14.22 -3.43
N ARG A 67 -9.52 13.93 -2.82
CA ARG A 67 -8.20 14.42 -3.24
C ARG A 67 -7.28 13.24 -3.52
N PHE A 68 -6.77 13.15 -4.73
CA PHE A 68 -5.78 12.11 -5.08
C PHE A 68 -4.53 12.42 -4.33
N PHE A 69 -3.92 11.44 -3.65
CA PHE A 69 -2.72 11.63 -2.85
C PHE A 69 -1.49 11.05 -3.53
N ARG A 70 -0.53 11.94 -3.86
CA ARG A 70 0.75 11.57 -4.42
C ARG A 70 0.61 10.69 -5.66
N LEU A 71 -0.38 10.96 -6.50
CA LEU A 71 -0.58 10.11 -7.69
C LEU A 71 0.67 10.05 -8.56
N ASP A 72 1.30 11.20 -8.78
CA ASP A 72 2.53 11.22 -9.60
C ASP A 72 3.68 10.39 -9.08
N ASP A 73 3.87 10.35 -7.77
CA ASP A 73 4.89 9.51 -7.15
C ASP A 73 4.59 8.03 -7.41
N HIS A 74 3.31 7.65 -7.29
CA HIS A 74 2.90 6.26 -7.65
C HIS A 74 3.14 5.91 -9.09
N LEU A 75 2.76 6.81 -10.01
CA LEU A 75 2.95 6.58 -11.46
C LEU A 75 4.46 6.52 -11.76
N ASP A 76 5.26 7.32 -11.09
CA ASP A 76 6.72 7.30 -11.29
C ASP A 76 7.27 5.96 -10.84
N ARG A 77 6.87 5.50 -9.65
CA ARG A 77 7.36 4.22 -9.18
C ARG A 77 6.92 3.09 -10.11
N PHE A 78 5.68 3.16 -10.55
CA PHE A 78 5.08 2.13 -11.43
C PHE A 78 5.82 2.08 -12.78
N GLU A 79 6.18 3.25 -13.31
CA GLU A 79 7.01 3.26 -14.55
C GLU A 79 8.33 2.54 -14.37
N LEU A 80 8.93 2.76 -13.22
CA LEU A 80 10.20 2.11 -12.89
C LEU A 80 9.97 0.60 -12.78
N SER A 81 8.94 0.20 -12.04
CA SER A 81 8.63 -1.22 -11.88
C SER A 81 8.36 -1.92 -13.22
N CYS A 82 7.55 -1.29 -14.08
CA CYS A 82 7.25 -1.77 -15.45
C CYS A 82 8.57 -1.91 -16.24
N SER A 83 9.46 -0.93 -16.16
CA SER A 83 10.68 -1.05 -16.93
C SER A 83 11.52 -2.22 -16.43
N LYS A 84 11.67 -2.38 -15.11
CA LYS A 84 12.49 -3.44 -14.51
C LYS A 84 11.96 -4.80 -14.91
N MET A 85 10.65 -4.90 -15.09
CA MET A 85 10.02 -6.15 -15.59
C MET A 85 10.00 -6.33 -17.11
N ARG A 86 10.54 -5.36 -17.84
CA ARG A 86 10.47 -5.31 -19.33
C ARG A 86 9.04 -5.32 -19.90
N PHE A 87 8.13 -4.61 -19.23
CA PHE A 87 6.80 -4.34 -19.76
C PHE A 87 6.77 -3.03 -20.48
N LYS A 88 5.84 -2.93 -21.41
CA LYS A 88 5.51 -1.65 -22.05
C LYS A 88 4.08 -1.30 -21.60
N MET A 89 3.85 -0.34 -20.70
N MET A 89 3.91 -0.19 -20.89
CA MET A 89 2.47 -0.12 -20.23
CA MET A 89 2.58 0.36 -20.60
C MET A 89 1.63 0.32 -21.45
C MET A 89 1.67 0.30 -21.84
N PRO A 90 0.51 -0.39 -21.75
CA PRO A 90 -0.34 -0.33 -22.95
C PRO A 90 -0.96 1.06 -23.32
N LEU A 91 -0.99 2.00 -22.38
CA LEU A 91 -1.54 3.34 -22.59
C LEU A 91 -0.57 4.32 -22.03
N PRO A 92 -0.51 5.53 -22.63
CA PRO A 92 0.37 6.54 -22.09
C PRO A 92 -0.05 6.98 -20.68
N ARG A 93 0.92 7.50 -19.95
CA ARG A 93 0.75 7.93 -18.58
C ARG A 93 -0.39 8.91 -18.41
N GLN A 94 -0.46 9.87 -19.33
CA GLN A 94 -1.46 10.92 -19.18
C GLN A 94 -2.86 10.33 -19.36
N GLU A 95 -3.01 9.31 -20.21
N GLU A 95 -3.00 9.34 -20.22
CA GLU A 95 -4.30 8.69 -20.46
CA GLU A 95 -4.28 8.70 -20.48
C GLU A 95 -4.71 7.84 -19.25
C GLU A 95 -4.70 7.82 -19.31
N VAL A 96 -3.74 7.14 -18.70
CA VAL A 96 -3.96 6.40 -17.46
C VAL A 96 -4.46 7.31 -16.33
N LYS A 97 -3.82 8.46 -16.16
CA LYS A 97 -4.23 9.41 -15.12
C LYS A 97 -5.64 9.88 -15.36
N ARG A 98 -5.96 10.20 -16.62
CA ARG A 98 -7.30 10.72 -16.96
C ARG A 98 -8.37 9.65 -16.67
N ILE A 99 -8.05 8.41 -17.03
CA ILE A 99 -8.99 7.31 -16.81
C ILE A 99 -9.23 7.07 -15.29
N LEU A 100 -8.15 7.07 -14.53
CA LEU A 100 -8.25 6.89 -13.05
C LEU A 100 -9.11 7.99 -12.46
N VAL A 101 -8.88 9.23 -12.88
CA VAL A 101 -9.67 10.31 -12.31
C VAL A 101 -11.13 10.18 -12.75
N ASP A 102 -11.42 9.84 -14.02
CA ASP A 102 -12.80 9.70 -14.48
C ASP A 102 -13.53 8.58 -13.71
N MET A 103 -12.79 7.49 -13.49
CA MET A 103 -13.34 6.36 -12.71
C MET A 103 -13.78 6.78 -11.32
N VAL A 104 -12.90 7.50 -10.64
CA VAL A 104 -13.22 8.02 -9.31
C VAL A 104 -14.46 8.94 -9.37
N ALA A 105 -14.40 9.90 -10.28
CA ALA A 105 -15.49 10.85 -10.43
C ALA A 105 -16.83 10.16 -10.71
N LYS A 106 -16.81 9.22 -11.64
CA LYS A 106 -18.00 8.46 -11.99
C LYS A 106 -18.58 7.71 -10.81
N SER A 107 -17.71 7.20 -9.95
CA SER A 107 -18.16 6.34 -8.83
C SER A 107 -18.78 7.09 -7.68
N GLY A 108 -18.35 8.33 -7.54
CA GLY A 108 -18.72 9.14 -6.36
C GLY A 108 -17.95 8.81 -5.09
N ILE A 109 -17.02 7.87 -5.13
CA ILE A 109 -16.25 7.45 -3.93
C ILE A 109 -15.26 8.59 -3.62
N LYS A 110 -15.31 9.06 -2.37
CA LYS A 110 -14.42 10.14 -1.90
C LYS A 110 -13.15 9.61 -1.26
N ASP A 111 -13.24 8.44 -0.60
CA ASP A 111 -12.14 7.80 0.04
C ASP A 111 -11.92 6.46 -0.66
N ALA A 112 -10.85 6.37 -1.46
CA ALA A 112 -10.74 5.24 -2.38
C ALA A 112 -9.36 4.58 -2.29
N PHE A 113 -9.37 3.26 -2.44
CA PHE A 113 -8.23 2.42 -2.83
C PHE A 113 -8.24 2.30 -4.36
N VAL A 114 -7.09 2.51 -4.96
CA VAL A 114 -6.91 2.43 -6.42
C VAL A 114 -5.78 1.43 -6.72
N GLU A 115 -6.01 0.56 -7.70
CA GLU A 115 -4.94 -0.37 -8.05
C GLU A 115 -4.76 -0.38 -9.56
N ILE A 116 -3.50 -0.34 -9.98
N ILE A 116 -3.51 -0.31 -10.02
CA ILE A 116 -3.13 -0.47 -11.38
CA ILE A 116 -3.23 -0.49 -11.42
C ILE A 116 -2.22 -1.67 -11.54
C ILE A 116 -2.24 -1.65 -11.55
N ILE A 117 -2.50 -2.54 -12.52
CA ILE A 117 -1.66 -3.71 -12.77
C ILE A 117 -1.31 -3.74 -14.26
N VAL A 118 -0.02 -4.07 -14.54
CA VAL A 118 0.36 -4.43 -15.91
C VAL A 118 0.88 -5.85 -15.87
N THR A 119 0.40 -6.69 -16.75
CA THR A 119 0.82 -8.10 -16.79
C THR A 119 1.50 -8.37 -18.12
N ARG A 120 2.19 -9.50 -18.15
CA ARG A 120 2.92 -9.90 -19.38
C ARG A 120 1.92 -10.08 -20.54
N GLY A 121 0.65 -10.44 -20.27
CA GLY A 121 -0.42 -10.58 -21.33
C GLY A 121 -0.85 -12.02 -21.53
N LEU A 122 -1.40 -12.33 -22.68
CA LEU A 122 -2.00 -13.65 -22.91
C LEU A 122 -1.00 -14.71 -23.34
N LYS A 123 0.22 -14.28 -23.69
CA LYS A 123 1.26 -15.18 -24.10
C LYS A 123 2.46 -15.03 -23.17
N GLY A 124 3.03 -16.17 -22.75
CA GLY A 124 4.09 -16.20 -21.78
C GLY A 124 5.51 -16.05 -22.37
N VAL A 125 6.42 -15.71 -21.49
CA VAL A 125 7.83 -15.67 -21.81
C VAL A 125 8.35 -17.08 -22.11
N ARG A 126 7.86 -18.11 -21.37
CA ARG A 126 8.35 -19.50 -21.50
C ARG A 126 8.14 -19.99 -22.93
N GLY A 127 6.94 -19.73 -23.46
CA GLY A 127 6.55 -20.26 -24.77
C GLY A 127 7.15 -19.56 -25.98
N LEU A 128 7.79 -18.40 -25.79
CA LEU A 128 8.17 -17.57 -26.93
C LEU A 128 8.96 -18.29 -28.03
N LYS A 129 8.45 -18.23 -29.27
CA LYS A 129 9.17 -18.76 -30.45
C LYS A 129 9.91 -17.64 -31.17
N ALA A 130 10.91 -18.02 -31.96
CA ALA A 130 11.69 -17.09 -32.78
C ALA A 130 10.78 -16.09 -33.54
N GLY A 131 11.06 -14.80 -33.39
CA GLY A 131 10.32 -13.75 -34.11
C GLY A 131 9.15 -13.18 -33.32
N GLU A 132 8.60 -13.90 -32.34
CA GLU A 132 7.37 -13.41 -31.70
C GLU A 132 7.62 -12.24 -30.71
N SER A 133 6.61 -11.36 -30.63
CA SER A 133 6.54 -10.26 -29.65
C SER A 133 5.32 -10.39 -28.74
N LEU A 134 5.48 -9.87 -27.53
CA LEU A 134 4.45 -9.98 -26.53
C LEU A 134 3.70 -8.67 -26.39
N THR A 135 2.37 -8.75 -26.24
CA THR A 135 1.54 -7.57 -25.93
C THR A 135 1.11 -7.68 -24.43
N ASN A 136 1.47 -6.67 -23.66
CA ASN A 136 1.16 -6.66 -22.20
C ASN A 136 -0.30 -6.13 -21.98
N ASN A 137 -0.90 -6.53 -20.87
CA ASN A 137 -2.25 -6.14 -20.51
C ASN A 137 -2.23 -5.17 -19.35
N LEU A 138 -3.27 -4.35 -19.31
CA LEU A 138 -3.52 -3.40 -18.24
C LEU A 138 -4.86 -3.67 -17.55
N TYR A 139 -4.86 -3.63 -16.19
CA TYR A 139 -6.08 -3.70 -15.41
C TYR A 139 -6.01 -2.59 -14.41
N MET A 140 -7.14 -1.93 -14.19
CA MET A 140 -7.21 -0.87 -13.15
C MET A 140 -8.56 -0.98 -12.45
N TRP A 141 -8.57 -0.60 -11.15
CA TRP A 141 -9.82 -0.47 -10.46
C TRP A 141 -9.76 0.47 -9.28
N ILE A 142 -10.95 0.97 -8.91
N ILE A 142 -10.93 0.85 -8.82
CA ILE A 142 -11.23 1.82 -7.72
CA ILE A 142 -11.00 1.59 -7.61
C ILE A 142 -12.13 0.97 -6.81
C ILE A 142 -12.11 0.96 -6.80
N GLN A 143 -11.94 1.04 -5.49
CA GLN A 143 -12.94 0.53 -4.54
C GLN A 143 -12.93 1.44 -3.33
N PRO A 144 -13.95 1.32 -2.47
CA PRO A 144 -13.85 2.00 -1.15
C PRO A 144 -12.55 1.72 -0.40
N TYR A 145 -12.00 2.74 0.22
CA TYR A 145 -10.71 2.68 0.94
C TYR A 145 -10.62 1.48 1.87
N ILE A 146 -9.58 0.73 1.65
CA ILE A 146 -9.23 -0.43 2.40
C ILE A 146 -8.33 -0.05 3.55
N TRP A 147 -8.61 -0.64 4.73
CA TRP A 147 -7.79 -0.45 5.90
C TRP A 147 -7.03 -1.72 6.31
N VAL A 148 -5.72 -1.71 6.14
CA VAL A 148 -4.88 -2.80 6.70
C VAL A 148 -5.01 -2.85 8.20
N MET A 149 -5.24 -1.67 8.81
CA MET A 149 -5.60 -1.54 10.22
C MET A 149 -6.76 -0.64 10.31
N GLU A 150 -7.86 -1.14 10.84
CA GLU A 150 -9.09 -0.41 10.92
C GLU A 150 -8.93 0.82 11.83
N PRO A 151 -9.81 1.83 11.62
CA PRO A 151 -9.70 3.00 12.48
C PRO A 151 -9.70 2.74 13.98
N GLU A 152 -10.59 1.88 14.47
CA GLU A 152 -10.63 1.66 15.90
C GLU A 152 -9.33 1.05 16.48
N MET A 153 -8.72 0.18 15.70
CA MET A 153 -7.44 -0.37 16.06
C MET A 153 -6.31 0.66 15.99
N GLN A 154 -6.39 1.63 15.07
CA GLN A 154 -5.36 2.65 15.05
C GLN A 154 -5.35 3.49 16.31
N ARG A 155 -6.52 3.64 16.99
CA ARG A 155 -6.53 4.39 18.25
C ARG A 155 -5.73 3.67 19.39
N THR A 156 -5.75 2.34 19.41
CA THR A 156 -5.12 1.57 20.49
C THR A 156 -3.77 0.95 20.09
N GLY A 157 -3.57 0.86 18.79
CA GLY A 157 -2.52 0.02 18.20
C GLY A 157 -2.89 -1.41 18.06
N GLY A 158 -2.16 -2.13 17.21
CA GLY A 158 -2.38 -3.55 17.01
C GLY A 158 -1.17 -4.28 17.52
N SER A 159 -1.21 -5.60 17.39
CA SER A 159 -0.12 -6.44 17.81
C SER A 159 0.69 -7.06 16.65
N ALA A 160 1.97 -7.25 16.93
CA ALA A 160 2.90 -7.86 15.97
C ALA A 160 3.69 -9.00 16.55
N ILE A 161 4.16 -9.83 15.63
CA ILE A 161 5.18 -10.84 15.95
C ILE A 161 6.34 -10.68 14.98
N ILE A 162 7.54 -10.99 15.44
CA ILE A 162 8.67 -11.20 14.56
C ILE A 162 8.53 -12.64 14.07
N ALA A 163 8.37 -12.81 12.78
CA ALA A 163 8.17 -14.13 12.19
C ALA A 163 9.37 -15.01 12.33
N ARG A 164 9.14 -16.27 12.74
CA ARG A 164 10.23 -17.21 12.96
C ARG A 164 10.27 -18.32 11.91
N THR A 165 9.15 -18.52 11.20
CA THR A 165 8.97 -19.66 10.30
C THR A 165 9.15 -19.29 8.82
N VAL A 166 9.45 -18.02 8.53
CA VAL A 166 9.62 -17.55 7.17
C VAL A 166 10.52 -16.32 7.22
N LYS A 167 11.18 -16.05 6.10
CA LYS A 167 11.98 -14.84 5.93
C LYS A 167 11.60 -14.19 4.60
N ARG A 168 11.82 -12.87 4.48
CA ARG A 168 11.48 -12.12 3.31
C ARG A 168 12.30 -12.64 2.11
N THR A 169 11.58 -12.82 1.01
CA THR A 169 12.22 -13.20 -0.26
C THR A 169 13.38 -12.28 -0.59
N SER A 170 14.55 -12.89 -0.72
CA SER A 170 15.78 -12.15 -1.05
C SER A 170 15.71 -11.34 -2.34
N PRO A 171 16.32 -10.14 -2.36
CA PRO A 171 16.39 -9.40 -3.63
C PRO A 171 17.12 -10.17 -4.77
N GLY A 172 17.92 -11.15 -4.41
CA GLY A 172 18.53 -12.02 -5.43
C GLY A 172 17.62 -13.01 -6.12
N SER A 173 16.40 -13.18 -5.58
CA SER A 173 15.34 -13.97 -6.16
C SER A 173 14.22 -13.12 -6.75
N MET A 174 13.79 -12.09 -6.01
CA MET A 174 12.73 -11.19 -6.50
C MET A 174 13.05 -9.82 -5.90
N ASP A 175 13.11 -8.79 -6.75
CA ASP A 175 13.44 -7.44 -6.29
C ASP A 175 12.24 -6.89 -5.48
N PRO A 176 12.46 -6.65 -4.18
CA PRO A 176 11.32 -6.17 -3.38
C PRO A 176 10.99 -4.69 -3.67
N THR A 177 11.85 -3.96 -4.40
CA THR A 177 11.45 -2.63 -4.82
C THR A 177 10.46 -2.56 -6.00
N VAL A 178 10.19 -3.70 -6.63
CA VAL A 178 9.22 -3.83 -7.70
C VAL A 178 7.95 -4.35 -7.02
N LYS A 179 7.00 -3.49 -6.76
CA LYS A 179 5.76 -3.94 -6.05
C LYS A 179 5.14 -5.08 -6.81
N ASN A 180 5.00 -6.23 -6.14
CA ASN A 180 4.50 -7.45 -6.80
C ASN A 180 3.56 -8.23 -5.94
N LEU A 181 2.92 -9.19 -6.57
CA LEU A 181 1.80 -9.92 -5.90
C LEU A 181 2.25 -11.32 -5.55
N GLN A 182 3.54 -11.57 -5.62
CA GLN A 182 4.08 -12.87 -5.31
C GLN A 182 4.30 -12.94 -3.79
N TRP A 183 3.20 -13.15 -3.07
CA TRP A 183 3.19 -12.97 -1.57
C TRP A 183 3.45 -14.23 -0.78
N GLY A 184 4.12 -15.20 -1.35
CA GLY A 184 4.25 -16.48 -0.65
C GLY A 184 4.79 -16.40 0.75
N ASP A 185 5.85 -15.61 0.91
CA ASP A 185 6.43 -15.34 2.20
C ASP A 185 5.55 -14.53 3.10
N LEU A 186 4.93 -13.50 2.55
CA LEU A 186 4.02 -12.63 3.28
C LEU A 186 2.78 -13.41 3.82
N THR A 187 2.25 -14.27 2.99
CA THR A 187 1.10 -15.09 3.32
C THR A 187 1.52 -16.08 4.42
N ARG A 188 2.66 -16.73 4.30
CA ARG A 188 3.22 -17.59 5.39
C ARG A 188 3.28 -16.79 6.67
N GLY A 189 3.78 -15.54 6.57
CA GLY A 189 3.89 -14.69 7.78
C GLY A 189 2.52 -14.43 8.43
N MET A 190 1.52 -14.14 7.61
CA MET A 190 0.13 -13.87 8.08
C MET A 190 -0.40 -15.09 8.82
N LEU A 191 -0.13 -16.25 8.24
CA LEU A 191 -0.65 -17.52 8.85
C LEU A 191 0.07 -17.74 10.20
N GLU A 192 1.36 -17.45 10.27
CA GLU A 192 2.12 -17.53 11.50
C GLU A 192 1.56 -16.57 12.52
N ALA A 193 1.30 -15.35 12.11
CA ALA A 193 0.71 -14.35 13.03
C ALA A 193 -0.61 -14.85 13.61
N GLN A 194 -1.48 -15.37 12.76
CA GLN A 194 -2.75 -15.95 13.20
C GLN A 194 -2.48 -17.04 14.26
N ASP A 195 -1.59 -17.95 13.93
CA ASP A 195 -1.27 -19.09 14.80
C ASP A 195 -0.79 -18.62 16.18
N ARG A 196 -0.09 -17.48 16.18
CA ARG A 196 0.53 -16.93 17.39
C ARG A 196 -0.32 -15.84 18.10
N GLY A 197 -1.54 -15.67 17.64
CA GLY A 197 -2.45 -14.71 18.25
C GLY A 197 -2.00 -13.26 18.15
N ALA A 198 -1.40 -12.93 17.00
CA ALA A 198 -0.96 -11.55 16.76
C ALA A 198 -1.59 -11.04 15.49
N ASP A 199 -1.72 -9.71 15.43
CA ASP A 199 -2.47 -9.11 14.30
C ASP A 199 -1.65 -9.05 12.99
N TYR A 200 -0.33 -8.84 13.13
CA TYR A 200 0.56 -8.57 11.99
C TYR A 200 1.92 -9.26 12.14
N PRO A 201 2.49 -9.75 11.01
CA PRO A 201 3.81 -10.33 10.99
C PRO A 201 4.87 -9.31 10.51
N PHE A 202 6.03 -9.30 11.15
CA PHE A 202 7.19 -8.56 10.67
C PHE A 202 8.17 -9.63 10.19
N LEU A 203 8.62 -9.59 8.94
CA LEU A 203 9.60 -10.60 8.48
C LEU A 203 11.01 -10.04 8.63
N THR A 204 11.92 -10.89 9.01
CA THR A 204 13.36 -10.63 8.88
C THR A 204 13.88 -11.10 7.52
N ASP A 205 15.13 -10.72 7.28
CA ASP A 205 15.89 -11.20 6.12
C ASP A 205 16.54 -12.55 6.36
N GLY A 206 16.33 -13.14 7.55
CA GLY A 206 17.01 -14.39 7.94
C GLY A 206 18.46 -14.24 8.38
N ASP A 207 18.92 -12.99 8.49
CA ASP A 207 20.31 -12.65 8.88
C ASP A 207 20.30 -11.62 10.02
N GLY A 208 19.22 -11.59 10.81
CA GLY A 208 19.18 -10.71 12.01
C GLY A 208 18.67 -9.27 11.76
N ASN A 209 18.17 -9.00 10.56
CA ASN A 209 17.60 -7.68 10.25
C ASN A 209 16.09 -7.71 9.95
N ILE A 210 15.35 -6.70 10.43
CA ILE A 210 13.93 -6.49 10.08
C ILE A 210 13.80 -5.96 8.64
N THR A 211 12.81 -6.46 7.93
CA THR A 211 12.52 -5.99 6.55
C THR A 211 11.15 -5.31 6.55
N GLU A 212 10.13 -5.98 6.10
CA GLU A 212 8.79 -5.40 6.01
C GLU A 212 7.80 -6.52 6.34
N GLY A 213 6.52 -6.20 6.29
CA GLY A 213 5.47 -7.18 6.47
C GLY A 213 4.54 -7.29 5.30
N SER A 214 3.37 -7.85 5.58
CA SER A 214 2.40 -8.23 4.65
C SER A 214 1.63 -7.04 4.13
N GLY A 215 2.32 -6.28 3.27
CA GLY A 215 1.71 -5.10 2.66
C GLY A 215 1.96 -3.77 3.36
N PHE A 216 3.12 -3.65 3.99
CA PHE A 216 3.43 -2.45 4.78
C PHE A 216 4.95 -2.37 5.08
N ASN A 217 5.51 -1.15 5.24
CA ASN A 217 6.83 -0.94 5.75
C ASN A 217 6.70 -0.81 7.29
N ILE A 218 7.83 -0.94 7.95
CA ILE A 218 7.92 -1.01 9.42
C ILE A 218 8.80 0.12 9.90
N VAL A 219 8.31 0.90 10.88
CA VAL A 219 9.06 2.00 11.49
C VAL A 219 9.13 1.84 13.01
N PHE A 220 10.32 2.02 13.55
CA PHE A 220 10.57 1.96 14.99
C PHE A 220 10.97 3.36 15.42
N ILE A 221 10.58 3.72 16.63
CA ILE A 221 11.00 4.94 17.26
C ILE A 221 11.79 4.58 18.52
N LYS A 222 12.97 5.15 18.61
CA LYS A 222 13.84 4.88 19.77
C LYS A 222 14.58 6.14 20.13
N ASP A 223 14.45 6.60 21.38
CA ASP A 223 15.14 7.80 21.86
C ASP A 223 14.93 9.00 20.93
N GLY A 224 13.66 9.13 20.52
CA GLY A 224 13.24 10.25 19.66
C GLY A 224 13.64 10.23 18.20
N VAL A 225 14.11 9.10 17.69
CA VAL A 225 14.59 8.96 16.33
C VAL A 225 13.77 7.83 15.65
N LEU A 226 13.36 8.07 14.40
CA LEU A 226 12.72 7.04 13.57
C LEU A 226 13.78 6.21 12.86
N TYR A 227 13.55 4.92 12.83
CA TYR A 227 14.39 3.95 12.15
C TYR A 227 13.55 3.08 11.21
N THR A 228 14.03 2.82 10.02
CA THR A 228 13.27 1.93 9.13
C THR A 228 14.23 1.25 8.19
N PRO A 229 13.97 -0.01 7.84
CA PRO A 229 14.95 -0.74 7.05
C PRO A 229 15.18 -0.16 5.66
N ASP A 230 16.44 -0.25 5.15
CA ASP A 230 16.79 0.27 3.85
C ASP A 230 16.67 -0.83 2.81
N ARG A 231 17.49 -1.86 2.93
CA ARG A 231 17.46 -2.96 1.96
C ARG A 231 16.30 -3.95 2.22
N GLY A 232 15.91 -4.66 1.17
CA GLY A 232 15.02 -5.79 1.29
C GLY A 232 13.53 -5.52 1.29
N VAL A 233 13.17 -4.25 1.02
CA VAL A 233 11.84 -3.76 1.17
C VAL A 233 11.39 -2.84 0.05
N LEU A 234 10.08 -2.61 -0.03
CA LEU A 234 9.56 -1.67 -1.02
C LEU A 234 9.83 -0.26 -0.51
N LYS A 235 10.12 0.67 -1.42
CA LYS A 235 10.34 2.05 -1.05
C LYS A 235 8.98 2.72 -1.05
N GLY A 236 8.27 2.55 0.07
CA GLY A 236 6.92 3.04 0.19
C GLY A 236 6.78 4.55 -0.01
N VAL A 237 5.65 4.90 -0.60
CA VAL A 237 5.21 6.28 -0.68
C VAL A 237 4.74 6.76 0.69
N THR A 238 4.16 5.83 1.46
CA THR A 238 3.77 6.21 2.84
C THR A 238 5.05 6.46 3.66
N ARG A 239 6.03 5.58 3.55
CA ARG A 239 7.29 5.70 4.25
C ARG A 239 7.97 7.07 3.82
N LYS A 240 7.89 7.45 2.52
CA LYS A 240 8.45 8.73 2.06
C LYS A 240 7.72 9.88 2.74
N SER A 241 6.39 9.74 2.84
CA SER A 241 5.52 10.77 3.44
C SER A 241 5.85 10.88 4.91
N VAL A 242 6.10 9.76 5.57
CA VAL A 242 6.61 9.77 6.96
C VAL A 242 7.91 10.56 7.12
N ALA A 243 8.88 10.32 6.21
CA ALA A 243 10.14 11.06 6.18
C ALA A 243 9.87 12.55 5.96
N ASP A 244 8.95 12.89 5.10
CA ASP A 244 8.60 14.30 4.88
C ASP A 244 8.04 14.95 6.16
N ALA A 245 7.17 14.21 6.85
CA ALA A 245 6.52 14.76 8.04
C ALA A 245 7.57 14.83 9.18
N ALA A 246 8.44 13.84 9.26
CA ALA A 246 9.50 13.92 10.22
C ALA A 246 10.36 15.16 10.03
N LYS A 247 10.77 15.40 8.79
CA LYS A 247 11.62 16.55 8.45
C LYS A 247 10.93 17.84 8.78
N ALA A 248 9.62 17.93 8.47
CA ALA A 248 8.84 19.13 8.71
C ALA A 248 8.75 19.44 10.22
N ASN A 249 8.87 18.42 11.06
CA ASN A 249 8.80 18.59 12.50
C ASN A 249 10.11 18.48 13.29
N GLY A 250 11.22 18.46 12.57
CA GLY A 250 12.53 18.34 13.16
C GLY A 250 12.88 17.02 13.81
N ILE A 251 12.31 15.92 13.30
CA ILE A 251 12.52 14.58 13.88
C ILE A 251 13.48 13.85 12.95
N GLU A 252 14.55 13.31 13.49
CA GLU A 252 15.51 12.55 12.66
C GLU A 252 14.86 11.23 12.24
N MET A 253 15.16 10.82 11.03
CA MET A 253 14.70 9.52 10.51
C MET A 253 15.86 8.87 9.76
N ARG A 254 16.21 7.66 10.16
CA ARG A 254 17.32 6.88 9.61
C ARG A 254 16.80 5.69 8.80
N ILE A 255 17.25 5.57 7.56
CA ILE A 255 16.83 4.52 6.67
C ILE A 255 18.07 3.66 6.52
N GLU A 256 18.08 2.49 7.17
CA GLU A 256 19.32 1.77 7.42
C GLU A 256 19.01 0.38 7.92
N PHE A 257 20.05 -0.44 8.10
CA PHE A 257 19.87 -1.76 8.71
C PHE A 257 19.23 -1.59 10.12
N VAL A 258 18.14 -2.31 10.32
CA VAL A 258 17.45 -2.34 11.61
C VAL A 258 17.58 -3.75 12.20
N PRO A 259 18.40 -3.95 13.25
CA PRO A 259 18.49 -5.27 13.78
C PRO A 259 17.19 -5.76 14.42
N THR A 260 17.00 -7.06 14.43
CA THR A 260 15.83 -7.60 15.12
C THR A 260 15.65 -7.13 16.58
N GLU A 261 16.74 -6.92 17.29
CA GLU A 261 16.67 -6.51 18.68
C GLU A 261 15.94 -5.19 18.85
N MET A 262 15.84 -4.38 17.80
CA MET A 262 15.08 -3.11 17.89
C MET A 262 13.60 -3.36 18.18
N ALA A 263 13.07 -4.51 17.74
CA ALA A 263 11.66 -4.80 17.94
C ALA A 263 11.32 -4.96 19.43
N TYR A 264 12.34 -5.39 20.22
CA TYR A 264 12.21 -5.61 21.68
C TYR A 264 12.66 -4.44 22.56
N GLN A 265 13.32 -3.44 21.96
CA GLN A 265 13.88 -2.29 22.68
C GLN A 265 13.29 -0.96 22.27
N CYS A 266 12.45 -0.95 21.24
CA CYS A 266 11.89 0.32 20.73
C CYS A 266 11.02 0.98 21.78
N ASP A 267 10.88 2.29 21.67
CA ASP A 267 9.94 3.08 22.50
C ASP A 267 8.54 3.10 21.88
N GLU A 268 8.50 3.10 20.54
CA GLU A 268 7.26 3.10 19.80
C GLU A 268 7.49 2.32 18.52
N CYS A 269 6.38 1.97 17.86
CA CYS A 269 6.41 1.28 16.55
C CYS A 269 5.18 1.58 15.74
N PHE A 270 5.36 1.71 14.43
CA PHE A 270 4.24 1.74 13.55
C PHE A 270 4.56 1.15 12.20
N MET A 271 3.53 0.63 11.56
CA MET A 271 3.60 0.16 10.17
C MET A 271 3.03 1.29 9.31
N CYS A 272 3.42 1.27 8.04
CA CYS A 272 2.89 2.27 7.12
C CYS A 272 2.67 1.71 5.74
N THR A 273 1.56 2.12 5.16
CA THR A 273 1.18 1.69 3.83
C THR A 273 0.03 2.57 3.23
N THR A 274 -0.17 2.55 1.91
CA THR A 274 -1.23 3.37 1.35
C THR A 274 -2.61 2.95 1.82
N ALA A 275 -2.81 1.64 1.88
CA ALA A 275 -4.11 1.10 2.37
C ALA A 275 -4.21 1.08 3.92
N GLY A 276 -4.41 2.28 4.48
CA GLY A 276 -4.43 2.47 5.94
C GLY A 276 -3.68 3.60 6.55
N GLY A 277 -2.54 3.97 5.94
CA GLY A 277 -1.73 5.07 6.39
C GLY A 277 -0.73 4.68 7.46
N VAL A 278 -0.79 5.35 8.61
CA VAL A 278 0.11 5.14 9.73
C VAL A 278 -0.63 4.30 10.78
N MET A 279 -0.02 3.14 11.09
CA MET A 279 -0.77 2.07 11.77
C MET A 279 0.05 1.63 12.98
N PRO A 280 -0.25 2.22 14.14
CA PRO A 280 0.51 1.91 15.33
C PRO A 280 0.48 0.48 15.78
N ILE A 281 1.64 0.02 16.22
CA ILE A 281 1.83 -1.33 16.83
C ILE A 281 2.25 -1.12 18.27
N THR A 282 1.42 -1.62 19.20
CA THR A 282 1.61 -1.40 20.62
C THR A 282 1.92 -2.66 21.42
N SER A 283 2.03 -3.81 20.75
CA SER A 283 2.43 -5.09 21.35
C SER A 283 3.40 -5.83 20.41
N MET A 284 4.34 -6.54 21.01
CA MET A 284 5.36 -7.24 20.27
C MET A 284 5.59 -8.58 20.93
N ASP A 285 5.43 -9.63 20.14
CA ASP A 285 5.60 -11.03 20.63
C ASP A 285 4.81 -11.23 21.94
N GLY A 286 3.60 -10.68 21.98
CA GLY A 286 2.75 -10.94 23.14
C GLY A 286 2.93 -10.02 24.35
N GLN A 287 3.86 -9.05 24.30
CA GLN A 287 4.18 -8.12 25.40
C GLN A 287 3.92 -6.70 24.97
N PRO A 288 3.42 -5.82 25.89
CA PRO A 288 3.19 -4.45 25.49
C PRO A 288 4.50 -3.76 25.14
N ILE A 289 4.45 -2.80 24.20
CA ILE A 289 5.56 -1.90 23.91
C ILE A 289 5.37 -0.70 24.82
N GLY A 290 6.30 -0.51 25.76
CA GLY A 290 6.13 0.48 26.85
C GLY A 290 4.82 0.28 27.61
N ASP A 291 4.09 1.37 27.73
CA ASP A 291 2.78 1.33 28.39
C ASP A 291 1.68 0.73 27.55
N GLY A 292 2.01 0.29 26.33
CA GLY A 292 1.06 -0.34 25.46
C GLY A 292 0.08 0.59 24.79
N LYS A 293 0.30 1.89 24.84
CA LYS A 293 -0.52 2.86 24.15
C LYS A 293 0.27 3.47 22.97
N VAL A 294 -0.48 4.10 22.10
CA VAL A 294 0.09 4.72 20.93
C VAL A 294 0.93 5.88 21.46
N GLY A 295 2.16 5.99 20.96
CA GLY A 295 3.16 6.91 21.52
C GLY A 295 3.05 8.29 20.91
N PRO A 296 3.72 9.26 21.53
CA PRO A 296 3.60 10.64 21.11
C PRO A 296 4.22 10.97 19.72
N VAL A 297 5.39 10.39 19.43
CA VAL A 297 6.03 10.68 18.16
C VAL A 297 5.20 10.00 17.03
N THR A 298 4.67 8.82 17.28
CA THR A 298 3.82 8.12 16.33
C THR A 298 2.62 9.06 15.99
N LYS A 299 1.99 9.65 17.04
CA LYS A 299 0.81 10.48 16.80
C LYS A 299 1.19 11.77 16.06
N GLU A 300 2.39 12.30 16.34
CA GLU A 300 2.84 13.49 15.65
C GLU A 300 3.03 13.22 14.13
N ILE A 301 3.60 12.06 13.83
CA ILE A 301 3.73 11.62 12.43
C ILE A 301 2.39 11.32 11.80
N TRP A 302 1.51 10.62 12.56
CA TRP A 302 0.16 10.30 12.11
C TRP A 302 -0.58 11.58 11.65
N ASP A 303 -0.57 12.59 12.53
CA ASP A 303 -1.28 13.86 12.23
C ASP A 303 -0.69 14.55 10.98
N GLY A 304 0.65 14.54 10.92
CA GLY A 304 1.39 15.13 9.80
C GLY A 304 1.11 14.49 8.47
N TYR A 305 1.04 13.17 8.50
CA TYR A 305 0.72 12.38 7.28
C TYR A 305 -0.65 12.77 6.73
N TRP A 306 -1.67 12.82 7.60
CA TRP A 306 -2.99 13.18 7.17
C TRP A 306 -3.07 14.64 6.76
N ALA A 307 -2.33 15.52 7.45
CA ALA A 307 -2.30 16.93 6.96
C ALA A 307 -1.81 17.05 5.54
N MET A 308 -0.86 16.19 5.13
CA MET A 308 -0.37 16.26 3.77
C MET A 308 -1.40 16.02 2.69
N HIS A 309 -2.50 15.36 3.02
CA HIS A 309 -3.57 15.02 2.11
C HIS A 309 -4.33 16.24 1.59
N TYR A 310 -4.15 17.39 2.29
CA TYR A 310 -4.79 18.65 1.97
C TYR A 310 -3.84 19.72 1.44
N ASP A 311 -2.60 19.32 1.23
CA ASP A 311 -1.51 20.17 0.79
C ASP A 311 -1.36 19.93 -0.70
N ASP A 312 -1.45 21.03 -1.49
CA ASP A 312 -1.35 20.90 -2.96
C ASP A 312 0.03 20.43 -3.49
N LYS A 313 1.05 20.41 -2.65
CA LYS A 313 2.36 19.82 -3.02
C LYS A 313 2.22 18.31 -3.20
N TYR A 314 1.27 17.72 -2.48
CA TYR A 314 1.16 16.27 -2.40
C TYR A 314 -0.19 15.70 -2.82
N SER A 315 -1.11 16.52 -3.33
CA SER A 315 -2.44 16.09 -3.60
C SER A 315 -3.11 17.08 -4.58
N PHE A 316 -4.20 16.61 -5.16
CA PHE A 316 -5.04 17.46 -6.04
C PHE A 316 -6.50 17.06 -5.87
N LYS A 317 -7.37 18.03 -5.97
CA LYS A 317 -8.80 17.83 -5.90
C LYS A 317 -9.34 17.24 -7.19
N ILE A 318 -10.15 16.22 -7.03
CA ILE A 318 -10.92 15.66 -8.16
C ILE A 318 -12.24 16.40 -8.33
N ASP A 319 -12.59 16.77 -9.59
CA ASP A 319 -13.85 17.37 -9.85
C ASP A 319 -14.84 16.23 -10.12
N TYR A 320 -15.75 16.03 -9.22
CA TYR A 320 -16.76 14.99 -9.40
C TYR A 320 -17.91 15.40 -10.32
N GLU A 321 -18.00 16.70 -10.64
CA GLU A 321 -19.16 17.39 -11.29
C GLU A 321 -20.49 16.95 -10.72
N1 PLP B . 5.65 -3.16 1.59
C2 PLP B . 4.94 -3.98 0.76
C2A PLP B . 5.34 -5.44 0.75
C3 PLP B . 3.83 -3.55 -0.09
O3 PLP B . 3.18 -4.38 -0.92
C4 PLP B . 3.45 -2.17 -0.05
C4A PLP B . 2.42 -1.66 -0.95
C5 PLP B . 4.19 -1.35 0.90
C6 PLP B . 5.22 -1.87 1.68
C5A PLP B . 3.75 0.09 1.09
O4P PLP B . 4.03 0.94 0.04
P PLP B . 3.21 2.26 -0.06
O1P PLP B . 1.73 1.90 -0.21
O2P PLP B . 3.43 3.13 1.14
O3P PLP B . 3.81 2.91 -1.28
C1 GOL C . -1.00 -0.94 -0.52
O1 GOL C . -1.24 -0.40 0.76
C2 GOL C . -0.80 -2.44 -0.45
O2 GOL C . 0.39 -2.66 0.32
C3 GOL C . -1.98 -3.17 0.20
O3 GOL C . -1.67 -4.57 0.40
C1 GOL D . -4.97 22.37 -3.56
O1 GOL D . -5.59 22.85 -2.34
C2 GOL D . -5.94 21.70 -4.53
O2 GOL D . -7.27 22.04 -4.16
C3 GOL D . -5.69 21.95 -5.98
O3 GOL D . -6.22 20.77 -6.57
C ACT E . 20.32 -6.90 -1.04
O ACT E . 20.02 -7.01 0.17
OXT ACT E . 21.10 -7.69 -1.62
CH3 ACT E . 19.67 -5.79 -1.81
#